data_4QUH
#
_entry.id   4QUH
#
_cell.length_a   113.973
_cell.length_b   96.845
_cell.length_c   68.866
_cell.angle_alpha   90.00
_cell.angle_beta   129.95
_cell.angle_gamma   90.00
#
_symmetry.space_group_name_H-M   'C 1 2 1'
#
loop_
_entity.id
_entity.type
_entity.pdbx_description
1 polymer Caspase-3
2 polymer 'short peptde'
3 polymer 'ACE-ASP-GLU-VAL-ASP-CHLOROMETHYLKETONE INHIBITOR'
4 non-polymer (4R)-2-METHYLPENTANE-2,4-DIOL
5 non-polymer 'AZIDE ION'
6 non-polymer 2,3-DIHYDROXY-1,4-DITHIOBUTANE
7 water water
#
loop_
_entity_poly.entity_id
_entity_poly.type
_entity_poly.pdbx_seq_one_letter_code
_entity_poly.pdbx_strand_id
1 'polypeptide(L)'
;MENTENSVDSKSIKNLEPKIIHGSESMDSGISLDNSYKMDYPEMGLCIIINNKNFHKSTGMTSRSGTDVDAANLRETFRN
LKYEVRNKNDLTREEIVELMRDVSKEDHSKRSSFVCVLLSHGEEGIIFGTNGPVDLKKIGNFFRGDRCRSLTGKPKLFII
QACRGTELDCGIETDSGVDDDMACHKIPVEADFLYAYSTAPGYYSWRNSKDGSWFIQSLCAMLKQYADKLEFMHILTRVN
RKVATEFESFSFDATFHAKKQIPCIVSMLTKELYFYH
;
A,C
2 'polypeptide(L)' GVDDD D
3 'polypeptide(L)' (ACE)DEVD(0QE) I,J
#
loop_
_chem_comp.id
_chem_comp.type
_chem_comp.name
_chem_comp.formula
0QE non-polymer chloromethane 'C H3 Cl'
ACE non-polymer 'ACETYL GROUP' 'C2 H4 O'
AZI non-polymer 'AZIDE ION' 'N3 -1'
DTT non-polymer 2,3-DIHYDROXY-1,4-DITHIOBUTANE 'C4 H10 O2 S2'
MRD non-polymer (4R)-2-METHYLPENTANE-2,4-DIOL 'C6 H14 O2'
#
# COMPACT_ATOMS: atom_id res chain seq x y z
N ASP A 34 -18.57 -13.33 3.92
CA ASP A 34 -17.73 -13.14 2.74
C ASP A 34 -16.98 -11.82 2.80
N ASN A 35 -17.40 -10.95 3.71
CA ASN A 35 -16.78 -9.63 3.90
C ASN A 35 -15.50 -9.70 4.74
N SER A 36 -15.43 -10.72 5.58
CA SER A 36 -14.29 -10.80 6.51
C SER A 36 -13.63 -12.17 6.45
N TYR A 37 -12.31 -12.20 6.64
CA TYR A 37 -11.59 -13.46 6.64
C TYR A 37 -12.07 -14.36 7.77
N LYS A 38 -12.17 -15.65 7.49
CA LYS A 38 -12.46 -16.66 8.50
C LYS A 38 -11.30 -16.74 9.50
N MET A 39 -11.52 -16.35 10.74
CA MET A 39 -10.44 -16.30 11.72
C MET A 39 -10.67 -17.25 12.90
N ASP A 40 -11.55 -18.22 12.70
CA ASP A 40 -11.89 -19.19 13.74
C ASP A 40 -11.45 -20.61 13.38
N TYR A 41 -10.35 -20.71 12.64
CA TYR A 41 -9.62 -21.97 12.51
C TYR A 41 -9.10 -22.33 13.90
N PRO A 42 -8.69 -23.58 14.12
CA PRO A 42 -8.17 -23.95 15.45
C PRO A 42 -7.01 -23.08 15.93
N GLU A 43 -6.20 -22.57 15.00
CA GLU A 43 -5.04 -21.77 15.35
C GLU A 43 -5.07 -20.44 14.61
N MET A 44 -4.64 -19.35 15.27
CA MET A 44 -4.57 -18.05 14.59
C MET A 44 -3.50 -18.12 13.50
N GLY A 45 -2.42 -18.83 13.80
CA GLY A 45 -1.33 -18.99 12.84
C GLY A 45 0.01 -18.65 13.42
N LEU A 46 1.05 -18.75 12.58
CA LEU A 46 2.42 -18.44 12.99
C LEU A 46 2.69 -16.95 12.96
N CYS A 47 3.50 -16.48 13.90
CA CYS A 47 4.08 -15.15 13.83
C CYS A 47 5.59 -15.29 13.86
N ILE A 48 6.23 -15.13 12.70
CA ILE A 48 7.67 -15.23 12.60
C ILE A 48 8.28 -13.85 12.78
N ILE A 49 9.17 -13.69 13.75
CA ILE A 49 9.82 -12.40 13.98
C ILE A 49 11.32 -12.56 13.71
N ILE A 50 11.81 -11.88 12.66
CA ILE A 50 13.23 -11.93 12.35
C ILE A 50 13.87 -10.63 12.84
N ASN A 51 14.78 -10.76 13.79
CA ASN A 51 15.33 -9.61 14.51
C ASN A 51 16.82 -9.52 14.24
N ASN A 52 17.22 -8.66 13.31
CA ASN A 52 18.63 -8.54 12.98
C ASN A 52 19.23 -7.30 13.61
N LYS A 53 20.16 -7.52 14.54
CA LYS A 53 20.72 -6.46 15.35
C LYS A 53 22.17 -6.18 14.97
N ASN A 54 22.93 -7.25 14.78
CA ASN A 54 24.36 -7.14 14.51
C ASN A 54 24.72 -7.64 13.13
N PHE A 55 25.52 -6.86 12.42
CA PHE A 55 25.82 -7.17 11.03
C PHE A 55 27.31 -7.42 10.81
N HIS A 56 27.63 -8.27 9.85
CA HIS A 56 29.02 -8.62 9.53
C HIS A 56 29.78 -7.42 8.96
N LYS A 57 31.11 -7.45 9.09
CA LYS A 57 31.95 -6.36 8.61
C LYS A 57 31.96 -6.27 7.09
N SER A 58 31.65 -7.39 6.44
CA SER A 58 31.48 -7.43 4.99
C SER A 58 30.49 -6.36 4.50
N THR A 59 29.53 -6.04 5.35
CA THR A 59 28.55 -5.01 5.07
C THR A 59 28.88 -3.74 5.86
N GLY A 60 29.63 -3.93 6.93
CA GLY A 60 29.79 -2.89 7.93
C GLY A 60 28.48 -2.78 8.68
N MET A 61 27.74 -1.71 8.39
CA MET A 61 26.40 -1.44 8.94
C MET A 61 26.28 -1.47 10.47
N THR A 62 25.67 -0.42 10.99
CA THR A 62 25.63 -0.20 12.42
C THR A 62 24.72 -1.19 13.14
N SER A 63 25.09 -1.53 14.38
CA SER A 63 24.23 -2.35 15.22
C SER A 63 22.93 -1.59 15.52
N ARG A 64 21.81 -2.31 15.51
CA ARG A 64 20.50 -1.66 15.59
C ARG A 64 19.96 -1.58 17.01
N SER A 65 20.59 -0.74 17.83
CA SER A 65 20.19 -0.59 19.22
C SER A 65 18.71 -0.26 19.37
N GLY A 66 18.05 -0.95 20.30
CA GLY A 66 16.64 -0.77 20.52
C GLY A 66 15.79 -1.86 19.89
N THR A 67 16.38 -2.63 18.98
CA THR A 67 15.59 -3.62 18.26
C THR A 67 15.17 -4.80 19.13
N ASP A 68 15.92 -5.08 20.21
CA ASP A 68 15.49 -6.14 21.13
C ASP A 68 14.22 -5.73 21.86
N VAL A 69 14.09 -4.43 22.16
CA VAL A 69 12.86 -3.90 22.73
C VAL A 69 11.68 -4.16 21.79
N ASP A 70 11.84 -3.83 20.50
CA ASP A 70 10.83 -4.16 19.49
C ASP A 70 10.46 -5.65 19.48
N ALA A 71 11.48 -6.50 19.40
CA ALA A 71 11.23 -7.94 19.27
C ALA A 71 10.44 -8.48 20.47
N ALA A 72 10.76 -8.01 21.67
CA ALA A 72 10.06 -8.43 22.88
C ALA A 72 8.63 -7.92 22.91
N ASN A 73 8.45 -6.68 22.47
CA ASN A 73 7.14 -6.04 22.42
C ASN A 73 6.24 -6.80 21.45
N LEU A 74 6.79 -7.15 20.29
CA LEU A 74 6.04 -7.90 19.28
C LEU A 74 5.69 -9.30 19.77
N ARG A 75 6.65 -9.97 20.41
CA ARG A 75 6.40 -11.31 20.94
C ARG A 75 5.21 -11.29 21.89
N GLU A 76 5.21 -10.33 22.81
CA GLU A 76 4.14 -10.26 23.80
C GLU A 76 2.81 -9.88 23.16
N THR A 77 2.86 -8.92 22.24
CA THR A 77 1.67 -8.45 21.54
C THR A 77 1.01 -9.59 20.78
N PHE A 78 1.80 -10.32 20.01
CA PHE A 78 1.20 -11.37 19.21
C PHE A 78 0.89 -12.62 20.03
N ARG A 79 1.56 -12.80 21.16
CA ARG A 79 1.17 -13.86 22.09
C ARG A 79 -0.26 -13.62 22.59
N ASN A 80 -0.56 -12.36 22.89
CA ASN A 80 -1.87 -12.02 23.41
C ASN A 80 -2.95 -12.07 22.34
N LEU A 81 -2.53 -12.08 21.08
CA LEU A 81 -3.46 -12.27 19.96
C LEU A 81 -3.62 -13.75 19.62
N LYS A 82 -2.91 -14.61 20.36
CA LYS A 82 -2.97 -16.07 20.24
C LYS A 82 -2.25 -16.59 19.00
N TYR A 83 -1.22 -15.88 18.56
CA TYR A 83 -0.32 -16.41 17.53
C TYR A 83 0.76 -17.27 18.14
N GLU A 84 1.18 -18.27 17.37
CA GLU A 84 2.34 -19.08 17.71
C GLU A 84 3.58 -18.33 17.29
N VAL A 85 4.25 -17.66 18.24
CA VAL A 85 5.37 -16.78 17.90
C VAL A 85 6.68 -17.54 17.83
N ARG A 86 7.45 -17.30 16.77
CA ARG A 86 8.82 -17.82 16.69
C ARG A 86 9.76 -16.63 16.49
N ASN A 87 10.63 -16.36 17.48
CA ASN A 87 11.60 -15.29 17.33
C ASN A 87 12.88 -15.85 16.71
N LYS A 88 13.47 -15.15 15.74
CA LYS A 88 14.76 -15.55 15.20
C LYS A 88 15.69 -14.33 15.25
N ASN A 89 16.94 -14.53 15.68
CA ASN A 89 17.88 -13.41 15.79
C ASN A 89 19.07 -13.55 14.86
N ASP A 90 19.51 -12.42 14.29
CA ASP A 90 20.75 -12.32 13.52
C ASP A 90 20.91 -13.42 12.46
N LEU A 91 20.00 -13.42 11.49
CA LEU A 91 20.02 -14.38 10.40
C LEU A 91 20.75 -13.81 9.19
N THR A 92 21.60 -14.63 8.58
CA THR A 92 22.19 -14.29 7.29
C THR A 92 21.09 -14.26 6.24
N ARG A 93 21.38 -13.68 5.07
CA ARG A 93 20.37 -13.65 4.03
C ARG A 93 20.04 -15.07 3.56
N GLU A 94 21.03 -15.96 3.57
CA GLU A 94 20.79 -17.36 3.23
C GLU A 94 19.82 -18.00 4.22
N GLU A 95 20.02 -17.70 5.49
CA GLU A 95 19.18 -18.23 6.57
C GLU A 95 17.76 -17.68 6.50
N ILE A 96 17.62 -16.41 6.12
CA ILE A 96 16.29 -15.83 5.97
C ILE A 96 15.52 -16.57 4.87
N VAL A 97 16.15 -16.77 3.73
CA VAL A 97 15.50 -17.42 2.59
C VAL A 97 15.16 -18.87 2.93
N GLU A 98 16.07 -19.55 3.62
CA GLU A 98 15.82 -20.95 4.00
C GLU A 98 14.67 -21.05 5.00
N LEU A 99 14.61 -20.11 5.92
CA LEU A 99 13.55 -20.11 6.94
C LEU A 99 12.20 -19.90 6.30
N MET A 100 12.11 -18.92 5.40
CA MET A 100 10.83 -18.64 4.78
CA MET A 100 10.87 -18.61 4.70
C MET A 100 10.44 -19.75 3.82
N ARG A 101 11.41 -20.37 3.14
CA ARG A 101 11.11 -21.53 2.32
C ARG A 101 10.52 -22.65 3.19
N ASP A 102 11.19 -22.97 4.28
CA ASP A 102 10.72 -24.05 5.17
C ASP A 102 9.33 -23.75 5.74
N VAL A 103 9.12 -22.52 6.18
CA VAL A 103 7.83 -22.17 6.78
C VAL A 103 6.71 -22.27 5.73
N SER A 104 7.02 -21.91 4.49
CA SER A 104 5.99 -21.94 3.44
C SER A 104 5.66 -23.38 3.06
N LYS A 105 6.52 -24.32 3.46
CA LYS A 105 6.30 -25.74 3.17
C LYS A 105 5.62 -26.46 4.33
N GLU A 106 5.38 -25.74 5.43
CA GLU A 106 4.60 -26.32 6.53
C GLU A 106 3.14 -26.46 6.13
N ASP A 107 2.43 -27.31 6.85
CA ASP A 107 0.99 -27.44 6.67
C ASP A 107 0.27 -26.41 7.50
N HIS A 108 -0.27 -25.38 6.86
CA HIS A 108 -0.98 -24.32 7.55
C HIS A 108 -2.51 -24.52 7.54
N SER A 109 -2.97 -25.75 7.24
CA SER A 109 -4.40 -25.96 7.03
CA SER A 109 -4.40 -26.00 7.05
C SER A 109 -5.25 -25.58 8.24
N LYS A 110 -4.73 -25.80 9.45
CA LYS A 110 -5.48 -25.49 10.66
C LYS A 110 -5.25 -24.07 11.18
N ARG A 111 -4.54 -23.25 10.40
CA ARG A 111 -4.22 -21.87 10.80
C ARG A 111 -5.02 -20.83 10.01
N SER A 112 -5.43 -19.76 10.67
CA SER A 112 -6.27 -18.74 10.04
C SER A 112 -5.47 -17.80 9.13
N SER A 113 -4.23 -17.56 9.52
CA SER A 113 -3.45 -16.50 8.89
C SER A 113 -1.97 -16.76 9.06
N PHE A 114 -1.17 -15.87 8.48
CA PHE A 114 0.29 -15.95 8.64
C PHE A 114 0.86 -14.56 8.83
N VAL A 115 1.75 -14.40 9.80
CA VAL A 115 2.38 -13.11 10.06
C VAL A 115 3.90 -13.23 10.06
N CYS A 116 4.56 -12.33 9.33
CA CYS A 116 6.01 -12.28 9.34
C CYS A 116 6.46 -10.86 9.67
N VAL A 117 7.31 -10.71 10.69
CA VAL A 117 7.83 -9.38 11.03
C VAL A 117 9.32 -9.34 10.76
N LEU A 118 9.73 -8.33 9.99
CA LEU A 118 11.14 -8.20 9.64
C LEU A 118 11.71 -6.94 10.27
N LEU A 119 12.73 -7.10 11.12
CA LEU A 119 13.35 -5.98 11.80
C LEU A 119 14.81 -5.91 11.36
N SER A 120 15.17 -4.91 10.56
CA SER A 120 16.53 -4.89 10.04
C SER A 120 16.87 -3.58 9.34
N HIS A 121 18.08 -3.50 8.82
CA HIS A 121 18.37 -2.48 7.83
C HIS A 121 17.68 -2.82 6.51
N GLY A 122 17.46 -1.83 5.66
CA GLY A 122 16.83 -2.09 4.39
C GLY A 122 17.10 -1.00 3.37
N GLU A 123 16.68 -1.26 2.14
CA GLU A 123 16.66 -0.26 1.07
C GLU A 123 15.34 -0.49 0.36
N GLU A 124 15.01 0.32 -0.64
CA GLU A 124 13.73 0.12 -1.31
CA GLU A 124 13.72 0.14 -1.31
C GLU A 124 13.63 -1.29 -1.88
N GLY A 125 12.62 -2.04 -1.43
CA GLY A 125 12.38 -3.39 -1.92
C GLY A 125 13.27 -4.47 -1.32
N ILE A 126 14.05 -4.09 -0.31
CA ILE A 126 15.14 -4.93 0.21
C ILE A 126 15.21 -4.93 1.73
N ILE A 127 15.47 -6.11 2.30
CA ILE A 127 15.76 -6.27 3.72
C ILE A 127 17.16 -6.88 3.85
N PHE A 128 17.91 -6.51 4.87
CA PHE A 128 19.25 -7.06 5.01
C PHE A 128 19.31 -8.26 5.95
N GLY A 129 19.92 -9.34 5.46
CA GLY A 129 20.43 -10.35 6.36
C GLY A 129 21.64 -9.75 7.04
N THR A 130 22.20 -10.47 8.00
CA THR A 130 23.37 -9.95 8.71
C THR A 130 24.56 -9.79 7.77
N ASN A 131 24.52 -10.45 6.63
CA ASN A 131 25.64 -10.44 5.69
C ASN A 131 25.28 -9.92 4.31
N GLY A 132 24.16 -9.20 4.19
CA GLY A 132 23.82 -8.63 2.90
C GLY A 132 22.35 -8.63 2.57
N PRO A 133 22.01 -7.99 1.45
CA PRO A 133 20.61 -7.74 1.05
C PRO A 133 19.91 -8.94 0.44
N VAL A 134 18.62 -9.04 0.70
CA VAL A 134 17.76 -9.95 -0.03
C VAL A 134 16.46 -9.23 -0.44
N ASP A 135 15.95 -9.54 -1.64
CA ASP A 135 14.73 -8.93 -2.15
C ASP A 135 13.53 -9.36 -1.34
N LEU A 136 12.71 -8.38 -0.94
CA LEU A 136 11.44 -8.68 -0.29
C LEU A 136 10.56 -9.56 -1.18
N LYS A 137 10.62 -9.33 -2.49
CA LYS A 137 9.82 -10.12 -3.44
C LYS A 137 10.14 -11.61 -3.35
N LYS A 138 11.40 -11.93 -3.11
CA LYS A 138 11.83 -13.32 -3.01
C LYS A 138 11.20 -13.97 -1.78
N ILE A 139 11.15 -13.22 -0.68
CA ILE A 139 10.50 -13.70 0.54
C ILE A 139 9.01 -13.90 0.36
N GLY A 140 8.34 -12.88 -0.19
CA GLY A 140 6.91 -12.95 -0.38
C GLY A 140 6.50 -14.05 -1.35
N ASN A 141 7.33 -14.33 -2.34
CA ASN A 141 6.96 -15.28 -3.38
C ASN A 141 6.71 -16.69 -2.86
N PHE A 142 7.37 -17.06 -1.76
CA PHE A 142 7.17 -18.39 -1.19
C PHE A 142 5.72 -18.60 -0.79
N PHE A 143 5.02 -17.50 -0.47
CA PHE A 143 3.67 -17.57 0.07
C PHE A 143 2.58 -17.24 -0.95
N ARG A 144 2.97 -17.08 -2.22
CA ARG A 144 2.02 -16.94 -3.32
C ARG A 144 0.92 -17.99 -3.21
N GLY A 145 -0.28 -17.63 -3.67
CA GLY A 145 -1.43 -18.52 -3.58
C GLY A 145 -1.24 -19.86 -4.27
N ASP A 146 -0.38 -19.91 -5.28
CA ASP A 146 -0.12 -21.17 -5.98
C ASP A 146 1.06 -21.94 -5.41
N ARG A 147 1.82 -21.33 -4.50
CA ARG A 147 3.04 -21.96 -3.98
C ARG A 147 2.92 -22.40 -2.53
N CYS A 148 1.99 -21.79 -1.81
CA CYS A 148 1.70 -22.18 -0.43
C CYS A 148 0.20 -22.43 -0.35
N ARG A 149 -0.22 -23.65 -0.71
CA ARG A 149 -1.63 -23.92 -0.92
CA ARG A 149 -1.62 -23.94 -0.92
C ARG A 149 -2.43 -23.94 0.38
N SER A 150 -1.78 -24.25 1.49
CA SER A 150 -2.51 -24.27 2.76
C SER A 150 -2.69 -22.86 3.31
N LEU A 151 -2.16 -21.85 2.62
CA LEU A 151 -2.45 -20.47 2.98
C LEU A 151 -3.27 -19.74 1.89
N THR A 152 -3.59 -20.44 0.80
CA THR A 152 -4.42 -19.83 -0.25
C THR A 152 -5.74 -19.31 0.34
N GLY A 153 -6.08 -18.05 0.06
CA GLY A 153 -7.32 -17.48 0.57
C GLY A 153 -7.24 -16.95 1.98
N LYS A 154 -6.06 -17.07 2.60
CA LYS A 154 -5.85 -16.61 3.96
C LYS A 154 -4.93 -15.40 3.97
N PRO A 155 -5.14 -14.51 4.93
CA PRO A 155 -4.32 -13.29 4.97
C PRO A 155 -2.88 -13.58 5.35
N LYS A 156 -1.98 -13.00 4.57
CA LYS A 156 -0.56 -13.16 4.75
C LYS A 156 0.02 -11.77 5.02
N LEU A 157 0.42 -11.53 6.26
CA LEU A 157 0.80 -10.19 6.70
C LEU A 157 2.30 -10.07 6.88
N PHE A 158 2.90 -9.13 6.17
CA PHE A 158 4.32 -8.84 6.34
C PHE A 158 4.48 -7.45 6.95
N ILE A 159 5.17 -7.40 8.07
CA ILE A 159 5.36 -6.15 8.81
C ILE A 159 6.84 -5.81 8.77
N ILE A 160 7.17 -4.66 8.18
CA ILE A 160 8.57 -4.38 7.87
C ILE A 160 9.08 -3.10 8.51
N GLN A 161 9.93 -3.27 9.52
CA GLN A 161 10.66 -2.15 10.12
C GLN A 161 12.06 -2.15 9.52
N ALA A 162 12.28 -1.25 8.57
CA ALA A 162 13.54 -1.15 7.82
C ALA A 162 13.54 0.11 6.99
N CYS A 163 14.72 0.66 6.70
CA CYS A 163 14.76 1.80 5.80
C CYS A 163 14.29 1.39 4.42
N ARG A 164 13.76 2.34 3.66
CA ARG A 164 13.33 2.09 2.29
C ARG A 164 14.02 3.07 1.36
N GLY A 165 15.20 3.53 1.77
CA GLY A 165 15.92 4.55 1.03
C GLY A 165 16.57 5.49 2.03
N THR A 166 17.01 6.64 1.54
CA THR A 166 17.80 7.55 2.37
C THR A 166 17.28 8.99 2.33
N GLU A 167 16.00 9.16 2.02
CA GLU A 167 15.39 10.48 2.13
C GLU A 167 14.92 10.74 3.56
N LEU A 168 14.91 12.03 3.93
CA LEU A 168 14.39 12.47 5.22
C LEU A 168 13.18 13.37 5.01
N ASP A 169 12.21 13.25 5.91
CA ASP A 169 10.97 14.04 5.84
C ASP A 169 11.09 15.21 6.84
N CYS A 170 11.20 16.43 6.32
CA CYS A 170 11.35 17.61 7.17
CA CYS A 170 11.34 17.65 7.12
C CYS A 170 10.04 18.03 7.85
N GLY A 171 8.92 17.54 7.33
CA GLY A 171 7.63 17.84 7.92
C GLY A 171 7.14 19.24 7.57
N ILE A 172 5.94 19.56 8.03
CA ILE A 172 5.36 20.88 7.83
C ILE A 172 4.52 21.25 9.06
N GLU A 173 4.65 22.49 9.52
CA GLU A 173 3.83 22.98 10.64
C GLU A 173 2.33 22.81 10.42
N THR A 174 1.60 22.48 11.47
CA THR A 174 0.14 22.46 11.39
C THR A 174 -0.47 23.32 12.50
N HIS A 185 -13.66 -18.92 -10.12
CA HIS A 185 -13.07 -20.23 -9.88
C HIS A 185 -11.57 -20.14 -9.58
N LYS A 186 -10.95 -19.01 -9.93
CA LYS A 186 -9.57 -18.76 -9.53
C LYS A 186 -9.45 -17.45 -8.77
N ILE A 187 -8.38 -17.35 -7.97
CA ILE A 187 -7.98 -16.10 -7.32
CA ILE A 187 -8.01 -16.06 -7.40
C ILE A 187 -6.58 -15.74 -7.83
N PRO A 188 -6.24 -14.43 -7.86
CA PRO A 188 -4.85 -14.08 -8.22
C PRO A 188 -3.82 -14.67 -7.25
N VAL A 189 -2.67 -15.09 -7.75
CA VAL A 189 -1.67 -15.65 -6.84
C VAL A 189 -1.06 -14.58 -5.93
N GLU A 190 -1.23 -13.30 -6.30
CA GLU A 190 -0.72 -12.22 -5.48
C GLU A 190 -1.76 -11.66 -4.50
N ALA A 191 -2.96 -12.24 -4.49
CA ALA A 191 -4.00 -11.77 -3.57
C ALA A 191 -3.76 -12.22 -2.13
N ASP A 192 -4.36 -11.45 -1.21
CA ASP A 192 -4.41 -11.75 0.23
C ASP A 192 -3.06 -11.53 0.93
N PHE A 193 -2.27 -10.62 0.38
CA PHE A 193 -1.07 -10.13 1.05
C PHE A 193 -1.31 -8.75 1.60
N LEU A 194 -0.69 -8.48 2.75
CA LEU A 194 -0.60 -7.12 3.24
CA LEU A 194 -0.62 -7.14 3.27
C LEU A 194 0.84 -6.86 3.65
N TYR A 195 1.39 -5.76 3.16
CA TYR A 195 2.73 -5.33 3.56
C TYR A 195 2.58 -4.05 4.35
N ALA A 196 2.86 -4.11 5.64
CA ALA A 196 2.77 -2.93 6.48
C ALA A 196 4.17 -2.37 6.71
N TYR A 197 4.51 -1.32 5.96
CA TYR A 197 5.83 -0.70 6.03
C TYR A 197 5.91 0.39 7.06
N SER A 198 7.04 0.47 7.74
CA SER A 198 7.25 1.50 8.75
C SER A 198 7.30 2.93 8.20
N THR A 199 7.61 3.06 6.92
CA THR A 199 7.95 4.37 6.39
C THR A 199 7.60 4.46 4.90
N ALA A 200 7.50 5.68 4.38
CA ALA A 200 7.17 5.89 2.98
C ALA A 200 8.29 5.39 2.07
N PRO A 201 7.95 4.99 0.82
CA PRO A 201 9.01 4.51 -0.07
C PRO A 201 10.05 5.60 -0.32
N GLY A 202 11.32 5.22 -0.28
CA GLY A 202 12.42 6.13 -0.53
C GLY A 202 13.01 6.72 0.73
N TYR A 203 12.34 6.50 1.86
CA TYR A 203 12.73 7.17 3.10
C TYR A 203 13.42 6.27 4.12
N TYR A 204 14.29 6.90 4.93
CA TYR A 204 14.75 6.29 6.16
C TYR A 204 13.58 5.91 7.07
N SER A 205 13.81 4.93 7.95
CA SER A 205 12.87 4.64 9.04
C SER A 205 13.59 4.92 10.35
N TRP A 206 12.86 5.45 11.35
CA TRP A 206 13.49 5.85 12.61
C TRP A 206 13.34 4.81 13.73
N ARG A 207 14.41 4.63 14.49
CA ARG A 207 14.43 3.68 15.61
C ARG A 207 15.01 4.43 16.81
N ASN A 208 14.42 4.29 17.99
CA ASN A 208 15.01 4.91 19.18
C ASN A 208 15.78 3.83 19.97
N SER A 209 17.00 4.16 20.38
CA SER A 209 17.87 3.14 20.99
C SER A 209 17.36 2.65 22.34
N LYS A 210 16.54 3.46 22.98
CA LYS A 210 15.97 3.11 24.28
C LYS A 210 14.57 2.51 24.19
N ASP A 211 13.72 3.13 23.36
CA ASP A 211 12.29 2.82 23.32
C ASP A 211 11.91 1.85 22.20
N GLY A 212 12.82 1.64 21.25
CA GLY A 212 12.50 0.81 20.09
C GLY A 212 12.11 1.67 18.91
N SER A 213 11.77 1.05 17.78
CA SER A 213 11.41 1.83 16.60
C SER A 213 10.06 2.53 16.78
N TRP A 214 9.91 3.68 16.13
CA TRP A 214 8.69 4.44 16.22
C TRP A 214 7.49 3.61 15.77
N PHE A 215 7.67 2.92 14.65
CA PHE A 215 6.58 2.14 14.04
C PHE A 215 6.17 0.95 14.90
N ILE A 216 7.15 0.17 15.36
CA ILE A 216 6.80 -1.01 16.14
C ILE A 216 6.24 -0.62 17.51
N GLN A 217 6.81 0.42 18.15
CA GLN A 217 6.21 0.97 19.38
C GLN A 217 4.72 1.24 19.19
N SER A 218 4.41 1.95 18.09
CA SER A 218 3.05 2.41 17.81
C SER A 218 2.14 1.25 17.42
N LEU A 219 2.66 0.33 16.61
CA LEU A 219 1.92 -0.86 16.19
C LEU A 219 1.48 -1.69 17.39
N CYS A 220 2.42 -1.96 18.30
CA CYS A 220 2.09 -2.79 19.45
C CYS A 220 1.08 -2.08 20.36
N ALA A 221 1.26 -0.77 20.53
CA ALA A 221 0.33 0.01 21.35
C ALA A 221 -1.08 0.01 20.77
N MET A 222 -1.19 0.21 19.46
CA MET A 222 -2.51 0.21 18.83
C MET A 222 -3.15 -1.18 18.80
N LEU A 223 -2.35 -2.23 18.60
CA LEU A 223 -2.91 -3.57 18.69
C LEU A 223 -3.41 -3.89 20.10
N LYS A 224 -2.65 -3.50 21.12
CA LYS A 224 -3.08 -3.77 22.49
C LYS A 224 -4.40 -3.04 22.79
N GLN A 225 -4.52 -1.81 22.31
CA GLN A 225 -5.71 -1.01 22.62
C GLN A 225 -6.92 -1.38 21.76
N TYR A 226 -6.70 -1.73 20.50
CA TYR A 226 -7.81 -1.85 19.55
C TYR A 226 -8.04 -3.20 18.87
N ALA A 227 -7.21 -4.22 19.13
CA ALA A 227 -7.36 -5.49 18.42
C ALA A 227 -8.70 -6.17 18.71
N ASP A 228 -9.32 -5.81 19.83
CA ASP A 228 -10.61 -6.41 20.17
C ASP A 228 -11.79 -5.56 19.69
N LYS A 229 -11.50 -4.47 18.99
CA LYS A 229 -12.53 -3.47 18.65
C LYS A 229 -12.54 -3.00 17.19
N LEU A 230 -11.39 -3.02 16.52
CA LEU A 230 -11.26 -2.44 15.19
C LEU A 230 -10.73 -3.42 14.14
N GLU A 231 -11.16 -3.22 12.89
CA GLU A 231 -10.64 -3.96 11.75
C GLU A 231 -9.18 -3.58 11.54
N PHE A 232 -8.37 -4.49 11.02
CA PHE A 232 -6.91 -4.28 10.96
C PHE A 232 -6.48 -3.03 10.17
N MET A 233 -7.11 -2.73 9.04
CA MET A 233 -6.75 -1.53 8.30
C MET A 233 -6.99 -0.26 9.11
N HIS A 234 -8.03 -0.27 9.94
CA HIS A 234 -8.31 0.87 10.78
C HIS A 234 -7.31 0.96 11.93
N ILE A 235 -6.86 -0.18 12.42
CA ILE A 235 -5.80 -0.18 13.42
C ILE A 235 -4.52 0.43 12.80
N LEU A 236 -4.15 -0.02 11.60
CA LEU A 236 -2.93 0.47 10.97
C LEU A 236 -3.04 1.96 10.62
N THR A 237 -4.25 2.45 10.36
CA THR A 237 -4.48 3.87 10.13
C THR A 237 -4.22 4.67 11.42
N ARG A 238 -4.62 4.14 12.56
CA ARG A 238 -4.30 4.74 13.87
CA ARG A 238 -4.29 4.80 13.81
C ARG A 238 -2.78 4.76 14.06
N VAL A 239 -2.13 3.68 13.62
CA VAL A 239 -0.68 3.59 13.73
C VAL A 239 -0.04 4.68 12.86
N ASN A 240 -0.53 4.86 11.64
CA ASN A 240 -0.06 5.96 10.81
C ASN A 240 -0.18 7.31 11.53
N ARG A 241 -1.33 7.57 12.16
CA ARG A 241 -1.54 8.84 12.85
CA ARG A 241 -1.52 8.85 12.82
C ARG A 241 -0.57 9.00 14.01
N LYS A 242 -0.41 7.94 14.80
CA LYS A 242 0.45 7.97 15.97
CA LYS A 242 0.45 7.97 15.97
C LYS A 242 1.89 8.27 15.57
N VAL A 243 2.40 7.55 14.57
CA VAL A 243 3.77 7.78 14.12
C VAL A 243 3.91 9.19 13.56
N ALA A 244 2.94 9.61 12.75
CA ALA A 244 3.01 10.91 12.09
C ALA A 244 2.93 12.09 13.06
N THR A 245 2.21 11.91 14.18
CA THR A 245 1.89 13.06 15.03
C THR A 245 2.70 13.08 16.32
N GLU A 246 3.00 11.92 16.88
CA GLU A 246 3.60 11.89 18.20
C GLU A 246 5.12 11.74 18.23
N PHE A 247 5.74 11.55 17.07
CA PHE A 247 7.20 11.37 16.98
C PHE A 247 7.86 12.44 16.13
N GLU A 248 9.01 12.92 16.60
CA GLU A 248 9.86 13.81 15.81
C GLU A 248 11.29 13.60 16.25
N SER A 249 12.23 13.48 15.32
CA SER A 249 13.58 13.07 15.70
C SER A 249 14.28 14.18 16.47
N PHE A 250 15.11 13.77 17.40
CA PHE A 250 16.00 14.69 18.09
C PHE A 250 17.44 14.28 17.81
N SER A 251 18.24 15.20 17.27
CA SER A 251 19.61 14.85 16.91
C SER A 251 20.55 16.04 17.07
N PHE A 252 21.78 15.76 17.53
CA PHE A 252 22.81 16.78 17.62
C PHE A 252 23.28 17.20 16.23
N ASP A 253 23.06 16.32 15.25
CA ASP A 253 23.34 16.61 13.85
C ASP A 253 22.12 17.27 13.22
N ALA A 254 22.26 18.54 12.81
CA ALA A 254 21.16 19.31 12.25
C ALA A 254 20.51 18.62 11.07
N THR A 255 21.31 17.86 10.32
CA THR A 255 20.83 17.18 9.13
C THR A 255 19.78 16.13 9.46
N PHE A 256 19.90 15.54 10.65
CA PHE A 256 18.99 14.48 11.09
C PHE A 256 18.00 14.92 12.15
N HIS A 257 17.95 16.22 12.42
CA HIS A 257 17.11 16.74 13.50
C HIS A 257 15.73 17.22 13.03
N ALA A 258 14.72 17.00 13.88
CA ALA A 258 13.35 17.47 13.68
C ALA A 258 12.69 16.82 12.47
N LYS A 259 13.00 15.55 12.25
CA LYS A 259 12.47 14.84 11.08
C LYS A 259 11.26 14.01 11.45
N LYS A 260 10.47 13.68 10.43
CA LYS A 260 9.17 13.06 10.64
C LYS A 260 9.08 11.76 9.85
N GLN A 261 8.00 11.01 10.08
CA GLN A 261 7.84 9.71 9.44
C GLN A 261 6.36 9.40 9.26
N ILE A 262 6.00 8.84 8.10
CA ILE A 262 4.67 8.32 7.91
C ILE A 262 4.80 6.87 7.42
N PRO A 263 4.14 5.93 8.10
CA PRO A 263 4.22 4.55 7.61
C PRO A 263 3.38 4.36 6.37
N CYS A 264 3.49 3.20 5.76
CA CYS A 264 2.91 3.01 4.44
C CYS A 264 2.25 1.65 4.38
N ILE A 265 0.92 1.63 4.34
CA ILE A 265 0.16 0.39 4.30
C ILE A 265 -0.07 -0.06 2.88
N VAL A 266 0.38 -1.27 2.52
CA VAL A 266 0.17 -1.75 1.16
C VAL A 266 -0.72 -2.99 1.20
N SER A 267 -1.97 -2.85 0.76
CA SER A 267 -2.93 -3.94 0.92
C SER A 267 -3.40 -4.56 -0.38
N MET A 268 -3.18 -5.86 -0.49
CA MET A 268 -3.82 -6.63 -1.54
CA MET A 268 -3.76 -6.71 -1.52
C MET A 268 -4.76 -7.66 -0.90
N LEU A 269 -5.26 -7.30 0.28
CA LEU A 269 -6.27 -8.14 0.97
C LEU A 269 -7.61 -8.04 0.24
N THR A 270 -8.41 -9.08 0.37
CA THR A 270 -9.70 -9.12 -0.33
C THR A 270 -10.85 -9.09 0.67
N LYS A 271 -10.52 -9.16 1.95
CA LYS A 271 -11.52 -9.15 3.00
C LYS A 271 -11.06 -8.33 4.20
N GLU A 272 -12.00 -8.00 5.08
CA GLU A 272 -11.68 -7.38 6.34
C GLU A 272 -11.08 -8.39 7.30
N LEU A 273 -10.17 -7.91 8.14
CA LEU A 273 -9.42 -8.77 9.04
C LEU A 273 -9.66 -8.32 10.48
N TYR A 274 -10.28 -9.19 11.28
CA TYR A 274 -10.51 -8.93 12.69
C TYR A 274 -9.76 -9.96 13.53
N PHE A 275 -9.09 -9.52 14.58
CA PHE A 275 -8.32 -10.45 15.42
C PHE A 275 -9.18 -11.10 16.51
N TYR A 276 -10.44 -10.71 16.61
CA TYR A 276 -11.34 -11.32 17.57
C TYR A 276 -12.41 -12.16 16.87
N ASP B 34 -12.21 13.23 14.61
CA ASP B 34 -11.05 12.94 15.43
C ASP B 34 -10.26 11.77 14.84
N ASN B 35 -10.92 10.62 14.76
CA ASN B 35 -10.38 9.47 14.08
C ASN B 35 -10.69 9.53 12.59
N SER B 36 -11.43 10.56 12.20
CA SER B 36 -11.89 10.69 10.82
CA SER B 36 -11.90 10.70 10.82
C SER B 36 -11.59 12.07 10.25
N TYR B 37 -11.26 12.11 8.97
CA TYR B 37 -11.02 13.39 8.31
C TYR B 37 -12.28 14.25 8.34
N LYS B 38 -12.07 15.54 8.54
CA LYS B 38 -13.14 16.53 8.48
C LYS B 38 -13.60 16.68 7.03
N MET B 39 -14.82 16.23 6.74
CA MET B 39 -15.31 16.24 5.36
C MET B 39 -16.52 17.18 5.21
N ASP B 40 -16.65 18.13 6.13
CA ASP B 40 -17.78 19.07 6.04
C ASP B 40 -17.33 20.50 5.79
N TYR B 41 -16.22 20.65 5.07
CA TYR B 41 -15.87 21.91 4.44
C TYR B 41 -16.99 22.25 3.45
N PRO B 42 -17.05 23.51 2.97
CA PRO B 42 -18.11 23.88 2.02
C PRO B 42 -18.13 23.02 0.76
N GLU B 43 -16.98 22.50 0.36
CA GLU B 43 -16.87 21.68 -0.86
C GLU B 43 -16.13 20.39 -0.56
N MET B 44 -16.56 19.27 -1.16
CA MET B 44 -15.81 18.02 -1.01
C MET B 44 -14.42 18.12 -1.63
N GLY B 45 -14.33 18.81 -2.77
CA GLY B 45 -13.05 19.01 -3.43
C GLY B 45 -13.08 18.69 -4.91
N LEU B 46 -11.94 18.85 -5.57
CA LEU B 46 -11.81 18.56 -7.00
C LEU B 46 -11.61 17.09 -7.27
N CYS B 47 -12.15 16.62 -8.38
CA CYS B 47 -11.80 15.32 -8.90
C CYS B 47 -11.30 15.50 -10.34
N ILE B 48 -9.98 15.42 -10.51
CA ILE B 48 -9.36 15.59 -11.82
C ILE B 48 -9.24 14.24 -12.50
N ILE B 49 -9.81 14.11 -13.69
CA ILE B 49 -9.72 12.85 -14.42
C ILE B 49 -8.90 13.06 -15.69
N ILE B 50 -7.75 12.39 -15.78
CA ILE B 50 -6.95 12.44 -16.99
C ILE B 50 -7.18 11.19 -17.81
N ASN B 51 -7.79 11.34 -18.97
CA ASN B 51 -8.26 10.21 -19.75
C ASN B 51 -7.45 10.12 -21.05
N ASN B 52 -6.41 9.29 -21.06
CA ASN B 52 -5.56 9.22 -22.25
C ASN B 52 -5.90 7.99 -23.08
N LYS B 53 -6.47 8.24 -24.25
CA LYS B 53 -6.99 7.17 -25.11
C LYS B 53 -6.12 6.97 -26.33
N ASN B 54 -5.75 8.08 -26.94
CA ASN B 54 -5.02 8.10 -28.21
C ASN B 54 -3.61 8.62 -28.01
N PHE B 55 -2.63 7.86 -28.48
CA PHE B 55 -1.24 8.20 -28.27
C PHE B 55 -0.56 8.58 -29.59
N HIS B 56 0.49 9.39 -29.50
CA HIS B 56 1.22 9.78 -30.70
C HIS B 56 1.75 8.53 -31.39
N LYS B 57 1.64 8.52 -32.71
CA LYS B 57 2.08 7.39 -33.52
C LYS B 57 3.51 6.98 -33.21
N SER B 58 4.40 7.95 -33.05
CA SER B 58 5.81 7.67 -32.84
C SER B 58 6.10 6.91 -31.54
N THR B 59 5.20 6.96 -30.56
CA THR B 59 5.41 6.22 -29.32
C THR B 59 5.17 4.71 -29.48
N GLY B 60 4.41 4.36 -30.52
CA GLY B 60 4.00 2.98 -30.73
C GLY B 60 2.95 2.47 -29.75
N MET B 61 2.39 3.35 -28.93
CA MET B 61 1.42 2.90 -27.92
C MET B 61 0.02 2.76 -28.51
N THR B 62 -0.66 1.67 -28.14
CA THR B 62 -1.98 1.35 -28.67
CA THR B 62 -1.96 1.39 -28.72
C THR B 62 -3.07 2.25 -28.10
N SER B 63 -4.16 2.40 -28.85
CA SER B 63 -5.29 3.15 -28.35
CA SER B 63 -5.31 3.15 -28.36
C SER B 63 -6.01 2.35 -27.28
N ARG B 64 -6.53 3.03 -26.26
CA ARG B 64 -7.09 2.35 -25.11
C ARG B 64 -8.62 2.28 -25.16
N SER B 65 -9.13 1.44 -26.07
CA SER B 65 -10.57 1.28 -26.24
C SER B 65 -11.21 0.90 -24.92
N GLY B 66 -12.31 1.55 -24.58
CA GLY B 66 -13.01 1.30 -23.33
C GLY B 66 -12.77 2.37 -22.28
N THR B 67 -11.73 3.18 -22.47
CA THR B 67 -11.40 4.16 -21.44
C THR B 67 -12.43 5.28 -21.35
N ASP B 68 -13.14 5.58 -22.44
CA ASP B 68 -14.18 6.60 -22.36
C ASP B 68 -15.34 6.15 -21.46
N VAL B 69 -15.63 4.85 -21.45
CA VAL B 69 -16.62 4.27 -20.54
C VAL B 69 -16.18 4.49 -19.08
N ASP B 70 -14.91 4.21 -18.79
CA ASP B 70 -14.35 4.52 -17.46
C ASP B 70 -14.51 5.99 -17.10
N ALA B 71 -14.12 6.88 -18.00
CA ALA B 71 -14.14 8.31 -17.70
C ALA B 71 -15.55 8.82 -17.40
N ALA B 72 -16.54 8.34 -18.15
CA ALA B 72 -17.92 8.75 -17.91
C ALA B 72 -18.45 8.18 -16.59
N ASN B 73 -18.09 6.92 -16.31
CA ASN B 73 -18.48 6.25 -15.08
C ASN B 73 -17.92 7.01 -13.88
N LEU B 74 -16.63 7.36 -13.96
CA LEU B 74 -15.99 8.10 -12.86
C LEU B 74 -16.64 9.46 -12.67
N ARG B 75 -16.95 10.13 -13.77
CA ARG B 75 -17.53 11.47 -13.66
C ARG B 75 -18.85 11.41 -12.89
N GLU B 76 -19.70 10.46 -13.26
CA GLU B 76 -21.01 10.32 -12.63
C GLU B 76 -20.87 9.90 -11.18
N THR B 77 -19.97 8.96 -10.94
CA THR B 77 -19.73 8.47 -9.60
C THR B 77 -19.26 9.58 -8.67
N PHE B 78 -18.26 10.35 -9.09
CA PHE B 78 -17.75 11.37 -8.20
C PHE B 78 -18.67 12.58 -8.13
N ARG B 79 -19.50 12.77 -9.16
CA ARG B 79 -20.56 13.78 -9.09
C ARG B 79 -21.55 13.48 -7.96
N ASN B 80 -21.93 12.21 -7.85
CA ASN B 80 -22.84 11.78 -6.78
C ASN B 80 -22.21 11.89 -5.40
N LEU B 81 -20.88 11.91 -5.34
CA LEU B 81 -20.18 12.10 -4.07
C LEU B 81 -19.93 13.58 -3.78
N LYS B 82 -20.43 14.45 -4.68
CA LYS B 82 -20.36 15.90 -4.57
C LYS B 82 -18.96 16.48 -4.82
N TYR B 83 -18.18 15.79 -5.65
CA TYR B 83 -16.92 16.35 -6.14
C TYR B 83 -17.10 17.23 -7.36
N GLU B 84 -16.28 18.26 -7.44
CA GLU B 84 -16.19 19.09 -8.63
C GLU B 84 -15.31 18.38 -9.64
N VAL B 85 -15.93 17.76 -10.64
CA VAL B 85 -15.20 16.90 -11.57
C VAL B 85 -14.70 17.70 -12.76
N ARG B 86 -13.43 17.52 -13.09
CA ARG B 86 -12.87 18.08 -14.32
C ARG B 86 -12.29 16.94 -15.14
N ASN B 87 -12.83 16.68 -16.33
CA ASN B 87 -12.31 15.66 -17.25
CA ASN B 87 -12.22 15.68 -17.20
C ASN B 87 -11.32 16.28 -18.25
N LYS B 88 -10.16 15.69 -18.42
CA LYS B 88 -9.23 16.10 -19.47
C LYS B 88 -8.92 14.86 -20.34
N ASN B 89 -8.85 15.04 -21.66
CA ASN B 89 -8.58 13.95 -22.58
C ASN B 89 -7.28 14.13 -23.35
N ASP B 90 -6.55 13.04 -23.55
CA ASP B 90 -5.38 12.99 -24.43
C ASP B 90 -4.37 14.09 -24.18
N LEU B 91 -3.80 14.10 -22.96
CA LEU B 91 -2.79 15.09 -22.59
C LEU B 91 -1.38 14.61 -22.85
N THR B 92 -0.55 15.49 -23.39
CA THR B 92 0.89 15.22 -23.50
C THR B 92 1.53 15.16 -22.12
N ARG B 93 2.75 14.65 -22.05
CA ARG B 93 3.47 14.61 -20.78
C ARG B 93 3.65 16.03 -20.26
N GLU B 94 3.85 16.98 -21.16
CA GLU B 94 4.00 18.37 -20.74
C GLU B 94 2.72 18.91 -20.16
N GLU B 95 1.59 18.60 -20.80
CA GLU B 95 0.29 19.06 -20.34
C GLU B 95 -0.13 18.44 -19.01
N ILE B 96 0.23 17.18 -18.79
CA ILE B 96 -0.06 16.55 -17.49
C ILE B 96 0.69 17.27 -16.37
N VAL B 97 1.97 17.55 -16.56
CA VAL B 97 2.76 18.22 -15.52
C VAL B 97 2.23 19.64 -15.27
N GLU B 98 1.88 20.34 -16.33
CA GLU B 98 1.37 21.70 -16.20
C GLU B 98 0.01 21.73 -15.50
N LEU B 99 -0.84 20.77 -15.82
CA LEU B 99 -2.15 20.65 -15.20
C LEU B 99 -2.01 20.43 -13.71
N MET B 100 -1.15 19.49 -13.33
CA MET B 100 -0.97 19.15 -11.92
C MET B 100 -0.35 20.30 -11.15
N ARG B 101 0.64 20.96 -11.76
CA ARG B 101 1.24 22.13 -11.13
C ARG B 101 0.18 23.19 -10.86
N ASP B 102 -0.61 23.50 -11.89
CA ASP B 102 -1.66 24.53 -11.76
C ASP B 102 -2.71 24.18 -10.71
N VAL B 103 -3.15 22.93 -10.70
CA VAL B 103 -4.18 22.52 -9.76
C VAL B 103 -3.64 22.60 -8.33
N SER B 104 -2.35 22.27 -8.16
CA SER B 104 -1.73 22.30 -6.83
C SER B 104 -1.55 23.72 -6.33
N LYS B 105 -1.60 24.68 -7.25
CA LYS B 105 -1.45 26.09 -6.91
C LYS B 105 -2.78 26.79 -6.66
N GLU B 106 -3.88 26.11 -6.91
CA GLU B 106 -5.20 26.63 -6.56
C GLU B 106 -5.38 26.75 -5.04
N ASP B 107 -6.33 27.58 -4.62
CA ASP B 107 -6.67 27.70 -3.20
C ASP B 107 -7.70 26.63 -2.84
N HIS B 108 -7.25 25.59 -2.13
CA HIS B 108 -8.14 24.49 -1.74
C HIS B 108 -8.70 24.68 -0.33
N SER B 109 -8.56 25.89 0.22
CA SER B 109 -8.94 26.12 1.61
C SER B 109 -10.37 25.69 1.96
N LYS B 110 -11.31 25.86 1.04
CA LYS B 110 -12.70 25.50 1.33
C LYS B 110 -13.07 24.09 0.88
N ARG B 111 -12.06 23.27 0.56
CA ARG B 111 -12.31 21.90 0.07
C ARG B 111 -11.82 20.86 1.07
N SER B 112 -12.56 19.76 1.20
CA SER B 112 -12.25 18.73 2.20
C SER B 112 -11.10 17.83 1.77
N SER B 113 -10.96 17.64 0.47
CA SER B 113 -10.07 16.62 -0.06
C SER B 113 -9.68 16.91 -1.50
N PHE B 114 -8.86 16.04 -2.05
CA PHE B 114 -8.47 16.12 -3.45
C PHE B 114 -8.39 14.74 -4.06
N VAL B 115 -8.91 14.60 -5.29
CA VAL B 115 -8.88 13.32 -5.99
C VAL B 115 -8.32 13.51 -7.38
N CYS B 116 -7.41 12.62 -7.77
CA CYS B 116 -6.88 12.61 -9.11
C CYS B 116 -6.97 11.20 -9.68
N VAL B 117 -7.61 11.05 -10.85
CA VAL B 117 -7.70 9.74 -11.50
C VAL B 117 -6.90 9.75 -12.80
N LEU B 118 -6.00 8.78 -12.94
CA LEU B 118 -5.13 8.70 -14.12
C LEU B 118 -5.48 7.44 -14.90
N LEU B 119 -5.90 7.63 -16.15
CA LEU B 119 -6.26 6.51 -17.03
C LEU B 119 -5.30 6.51 -18.22
N SER B 120 -4.37 5.57 -18.27
CA SER B 120 -3.40 5.56 -19.35
C SER B 120 -2.61 4.27 -19.43
N HIS B 121 -1.67 4.23 -20.38
CA HIS B 121 -0.61 3.22 -20.33
C HIS B 121 0.33 3.57 -19.18
N GLY B 122 1.05 2.57 -18.68
CA GLY B 122 2.03 2.86 -17.64
C GLY B 122 3.10 1.79 -17.55
N GLU B 123 4.06 2.04 -16.68
CA GLU B 123 4.95 0.98 -16.19
C GLU B 123 5.24 1.34 -14.76
N GLU B 124 6.05 0.54 -14.06
CA GLU B 124 6.21 0.77 -12.63
C GLU B 124 6.71 2.20 -12.35
N GLY B 125 5.92 2.95 -11.57
CA GLY B 125 6.26 4.30 -11.18
C GLY B 125 5.94 5.37 -12.20
N ILE B 126 5.32 4.99 -13.32
CA ILE B 126 5.18 5.86 -14.49
C ILE B 126 3.77 5.82 -15.09
N ILE B 127 3.27 6.98 -15.49
CA ILE B 127 2.05 7.08 -16.29
C ILE B 127 2.43 7.73 -17.62
N PHE B 128 1.81 7.31 -18.71
CA PHE B 128 2.19 7.88 -19.99
C PHE B 128 1.32 9.05 -20.44
N GLY B 129 1.97 10.14 -20.81
CA GLY B 129 1.29 11.18 -21.56
C GLY B 129 1.15 10.65 -22.98
N THR B 130 0.49 11.41 -23.84
CA THR B 130 0.28 10.92 -25.20
C THR B 130 1.59 10.79 -25.99
N ASN B 131 2.64 11.48 -25.53
CA ASN B 131 3.91 11.53 -26.25
C ASN B 131 5.12 11.05 -25.43
N GLY B 132 4.87 10.50 -24.26
CA GLY B 132 5.96 10.03 -23.42
C GLY B 132 5.60 9.95 -21.94
N PRO B 133 6.52 9.44 -21.12
CA PRO B 133 6.22 9.12 -19.72
C PRO B 133 6.30 10.31 -18.76
N VAL B 134 5.55 10.20 -17.67
CA VAL B 134 5.60 11.13 -16.54
C VAL B 134 5.82 10.30 -15.28
N ASP B 135 6.78 10.70 -14.45
CA ASP B 135 6.95 10.03 -13.14
C ASP B 135 5.78 10.31 -12.22
N LEU B 136 5.17 9.27 -11.68
CA LEU B 136 4.11 9.44 -10.69
C LEU B 136 4.60 10.27 -9.48
N LYS B 137 5.85 10.08 -9.12
CA LYS B 137 6.43 10.83 -8.00
C LYS B 137 6.41 12.33 -8.28
N LYS B 138 6.64 12.70 -9.53
CA LYS B 138 6.63 14.13 -9.88
C LYS B 138 5.23 14.71 -9.67
N ILE B 139 4.21 13.96 -10.09
CA ILE B 139 2.81 14.37 -9.94
C ILE B 139 2.46 14.50 -8.46
N GLY B 140 2.76 13.47 -7.69
CA GLY B 140 2.44 13.46 -6.27
C GLY B 140 3.13 14.57 -5.50
N ASN B 141 4.37 14.87 -5.86
CA ASN B 141 5.16 15.87 -5.13
C ASN B 141 4.51 17.25 -5.11
N PHE B 142 3.78 17.60 -6.16
CA PHE B 142 3.11 18.92 -6.20
C PHE B 142 2.17 19.09 -5.00
N PHE B 143 1.69 17.98 -4.47
CA PHE B 143 0.68 18.00 -3.42
C PHE B 143 1.20 17.67 -2.03
N ARG B 144 2.53 17.55 -1.90
CA ARG B 144 3.19 17.39 -0.60
C ARG B 144 2.66 18.41 0.41
N GLY B 145 2.65 18.01 1.68
CA GLY B 145 2.12 18.87 2.73
C GLY B 145 2.79 20.23 2.81
N ASP B 146 4.06 20.32 2.39
CA ASP B 146 4.76 21.61 2.41
C ASP B 146 4.64 22.41 1.10
N ARG B 147 4.15 21.79 0.03
CA ARG B 147 4.06 22.46 -1.27
C ARG B 147 2.65 22.86 -1.67
N CYS B 148 1.66 22.20 -1.10
CA CYS B 148 0.25 22.57 -1.30
C CYS B 148 -0.36 22.78 0.08
N ARG B 149 -0.19 23.99 0.61
CA ARG B 149 -0.52 24.23 2.01
CA ARG B 149 -0.52 24.27 2.01
C ARG B 149 -2.01 24.20 2.30
N SER B 150 -2.84 24.49 1.30
CA SER B 150 -4.28 24.46 1.51
C SER B 150 -4.84 23.04 1.43
N LEU B 151 -3.99 22.05 1.14
CA LEU B 151 -4.41 20.65 1.27
C LEU B 151 -3.70 19.94 2.42
N THR B 152 -2.83 20.66 3.14
CA THR B 152 -2.15 20.04 4.28
C THR B 152 -3.18 19.48 5.27
N GLY B 153 -2.99 18.23 5.69
CA GLY B 153 -3.89 17.61 6.64
C GLY B 153 -5.16 17.06 6.03
N LYS B 154 -5.29 17.20 4.71
CA LYS B 154 -6.47 16.71 4.01
C LYS B 154 -6.09 15.54 3.13
N PRO B 155 -7.02 14.61 2.92
CA PRO B 155 -6.72 13.40 2.15
C PRO B 155 -6.54 13.70 0.66
N LYS B 156 -5.47 13.17 0.10
CA LYS B 156 -5.11 13.37 -1.30
C LYS B 156 -5.10 11.99 -1.94
N LEU B 157 -6.08 11.75 -2.81
CA LEU B 157 -6.32 10.41 -3.33
C LEU B 157 -5.93 10.33 -4.80
N PHE B 158 -5.05 9.40 -5.11
CA PHE B 158 -4.65 9.16 -6.49
C PHE B 158 -5.10 7.77 -6.93
N ILE B 159 -5.90 7.71 -7.98
CA ILE B 159 -6.49 6.47 -8.47
C ILE B 159 -5.87 6.17 -9.82
N ILE B 160 -5.16 5.05 -9.94
CA ILE B 160 -4.31 4.80 -11.10
CA ILE B 160 -4.33 4.82 -11.12
C ILE B 160 -4.70 3.56 -11.88
N GLN B 161 -5.28 3.76 -13.06
CA GLN B 161 -5.55 2.66 -13.99
C GLN B 161 -4.48 2.71 -15.08
N ALA B 162 -3.51 1.80 -15.00
CA ALA B 162 -2.33 1.78 -15.86
C ALA B 162 -1.52 0.54 -15.55
N CYS B 163 -0.77 0.04 -16.54
CA CYS B 163 0.11 -1.09 -16.27
C CYS B 163 1.24 -0.69 -15.34
N ARG B 164 1.78 -1.67 -14.64
CA ARG B 164 2.90 -1.46 -13.71
C ARG B 164 4.05 -2.39 -14.07
N GLY B 165 4.06 -2.84 -15.32
CA GLY B 165 5.02 -3.83 -15.79
C GLY B 165 4.34 -4.75 -16.78
N THR B 166 4.96 -5.91 -17.01
CA THR B 166 4.47 -6.85 -18.01
C THR B 166 4.21 -8.26 -17.46
N GLU B 167 4.14 -8.41 -16.15
CA GLU B 167 3.84 -9.72 -15.60
C GLU B 167 2.36 -10.04 -15.73
N LEU B 168 2.05 -11.32 -15.89
CA LEU B 168 0.67 -11.80 -15.94
C LEU B 168 0.42 -12.73 -14.76
N ASP B 169 -0.77 -12.65 -14.17
CA ASP B 169 -1.10 -13.48 -13.02
C ASP B 169 -1.95 -14.66 -13.51
N CYS B 170 -1.41 -15.87 -13.40
CA CYS B 170 -2.11 -17.06 -13.88
CA CYS B 170 -2.08 -17.08 -13.86
C CYS B 170 -3.18 -17.53 -12.92
N GLY B 171 -3.17 -17.03 -11.69
CA GLY B 171 -4.18 -17.39 -10.72
C GLY B 171 -4.02 -18.79 -10.18
N ILE B 172 -4.86 -19.13 -9.20
CA ILE B 172 -4.88 -20.47 -8.61
C ILE B 172 -6.33 -20.84 -8.32
N GLU B 173 -6.71 -22.07 -8.68
CA GLU B 173 -8.09 -22.50 -8.49
C GLU B 173 -8.41 -22.58 -7.00
N THR B 174 -9.62 -22.14 -6.63
CA THR B 174 -10.09 -22.23 -5.25
C THR B 174 -11.05 -23.40 -5.07
N CYS B 184 3.30 23.91 17.50
CA CYS B 184 4.25 23.05 18.19
C CYS B 184 4.48 21.77 17.40
N HIS B 185 3.47 21.36 16.65
CA HIS B 185 3.48 20.08 15.96
C HIS B 185 3.73 20.22 14.46
N LYS B 186 4.41 19.23 13.90
CA LYS B 186 4.51 19.09 12.47
C LYS B 186 3.84 17.78 12.06
N ILE B 187 3.51 17.66 10.78
CA ILE B 187 3.16 16.35 10.24
C ILE B 187 4.10 16.07 9.07
N PRO B 188 4.29 14.78 8.73
CA PRO B 188 5.13 14.47 7.56
C PRO B 188 4.60 15.08 6.27
N VAL B 189 5.49 15.53 5.40
CA VAL B 189 5.06 16.09 4.12
C VAL B 189 4.44 15.00 3.24
N GLU B 190 4.76 13.74 3.51
CA GLU B 190 4.22 12.62 2.71
C GLU B 190 2.94 12.03 3.28
N ALA B 191 2.48 12.58 4.41
CA ALA B 191 1.27 12.06 5.04
C ALA B 191 0.00 12.48 4.29
N ASP B 192 -1.05 11.68 4.45
CA ASP B 192 -2.42 11.93 3.96
C ASP B 192 -2.55 11.75 2.46
N PHE B 193 -1.69 10.90 1.90
CA PHE B 193 -1.84 10.40 0.54
C PHE B 193 -2.41 8.98 0.52
N LEU B 194 -3.23 8.70 -0.47
CA LEU B 194 -3.58 7.32 -0.78
C LEU B 194 -3.40 7.11 -2.27
N TYR B 195 -2.70 6.03 -2.63
CA TYR B 195 -2.56 5.65 -4.03
C TYR B 195 -3.31 4.35 -4.25
N ALA B 196 -4.38 4.39 -5.03
CA ALA B 196 -5.17 3.20 -5.28
C ALA B 196 -4.82 2.70 -6.68
N TYR B 197 -3.93 1.72 -6.73
CA TYR B 197 -3.48 1.15 -8.01
C TYR B 197 -4.40 0.05 -8.50
N SER B 198 -4.63 0.01 -9.81
CA SER B 198 -5.48 -1.03 -10.37
C SER B 198 -4.91 -2.46 -10.25
N THR B 199 -3.61 -2.58 -10.09
CA THR B 199 -2.96 -3.89 -10.22
C THR B 199 -1.71 -3.96 -9.33
N ALA B 200 -1.21 -5.16 -9.12
CA ALA B 200 -0.03 -5.35 -8.27
C ALA B 200 1.22 -4.80 -8.95
N PRO B 201 2.22 -4.41 -8.16
CA PRO B 201 3.46 -3.91 -8.78
C PRO B 201 4.10 -4.96 -9.68
N GLY B 202 4.53 -4.55 -10.87
CA GLY B 202 5.18 -5.44 -11.81
C GLY B 202 4.23 -5.98 -12.88
N TYR B 203 2.92 -5.85 -12.63
CA TYR B 203 1.93 -6.51 -13.50
C TYR B 203 1.23 -5.59 -14.49
N TYR B 204 0.81 -6.18 -15.60
CA TYR B 204 -0.15 -5.54 -16.48
C TYR B 204 -1.43 -5.22 -15.73
N SER B 205 -2.18 -4.25 -16.24
CA SER B 205 -3.54 -4.01 -15.78
C SER B 205 -4.51 -4.26 -16.94
N TRP B 206 -5.65 -4.89 -16.66
CA TRP B 206 -6.61 -5.28 -17.72
C TRP B 206 -7.75 -4.30 -17.96
N ARG B 207 -8.10 -4.14 -19.23
CA ARG B 207 -9.15 -3.20 -19.61
C ARG B 207 -10.02 -3.92 -20.63
N ASN B 208 -11.33 -3.79 -20.51
CA ASN B 208 -12.20 -4.41 -21.50
C ASN B 208 -12.72 -3.33 -22.46
N SER B 209 -12.60 -3.60 -23.76
CA SER B 209 -12.85 -2.56 -24.76
C SER B 209 -14.31 -2.15 -24.78
N LYS B 210 -15.19 -3.01 -24.29
CA LYS B 210 -16.61 -2.69 -24.25
C LYS B 210 -17.08 -2.17 -22.89
N ASP B 211 -16.62 -2.82 -21.80
CA ASP B 211 -17.11 -2.51 -20.45
C ASP B 211 -16.25 -1.51 -19.67
N GLY B 212 -15.03 -1.26 -20.14
CA GLY B 212 -14.10 -0.40 -19.41
C GLY B 212 -13.11 -1.26 -18.64
N SER B 213 -12.24 -0.64 -17.87
CA SER B 213 -11.25 -1.42 -17.14
C SER B 213 -11.86 -2.15 -15.95
N TRP B 214 -11.29 -3.29 -15.61
CA TRP B 214 -11.80 -4.11 -14.50
C TRP B 214 -11.85 -3.31 -13.21
N PHE B 215 -10.77 -2.58 -12.94
CA PHE B 215 -10.64 -1.84 -11.69
C PHE B 215 -11.61 -0.67 -11.62
N ILE B 216 -11.72 0.10 -12.69
CA ILE B 216 -12.58 1.28 -12.62
C ILE B 216 -14.05 0.85 -12.59
N GLN B 217 -14.40 -0.17 -13.38
CA GLN B 217 -15.74 -0.78 -13.30
C GLN B 217 -16.10 -1.07 -11.85
N SER B 218 -15.19 -1.80 -11.19
CA SER B 218 -15.40 -2.26 -9.82
C SER B 218 -15.40 -1.13 -8.78
N LEU B 219 -14.48 -0.18 -8.94
CA LEU B 219 -14.42 0.98 -8.08
C LEU B 219 -15.72 1.78 -8.09
N CYS B 220 -16.22 2.08 -9.29
CA CYS B 220 -17.45 2.87 -9.39
C CYS B 220 -18.63 2.10 -8.79
N ALA B 221 -18.71 0.81 -9.05
CA ALA B 221 -19.81 0.01 -8.52
C ALA B 221 -19.80 -0.04 -6.98
N MET B 222 -18.63 -0.23 -6.39
CA MET B 222 -18.56 -0.32 -4.93
C MET B 222 -18.80 1.04 -4.28
N LEU B 223 -18.35 2.10 -4.93
CA LEU B 223 -18.63 3.44 -4.40
C LEU B 223 -20.14 3.72 -4.46
N LYS B 224 -20.77 3.37 -5.57
CA LYS B 224 -22.22 3.57 -5.70
C LYS B 224 -22.97 2.79 -4.61
N GLN B 225 -22.50 1.59 -4.31
CA GLN B 225 -23.20 0.72 -3.38
C GLN B 225 -22.93 1.05 -1.92
N TYR B 226 -21.69 1.46 -1.62
CA TYR B 226 -21.24 1.52 -0.23
C TYR B 226 -20.75 2.86 0.28
N ALA B 227 -20.71 3.88 -0.57
CA ALA B 227 -20.17 5.17 -0.12
C ALA B 227 -21.00 5.78 1.01
N ASP B 228 -22.26 5.39 1.11
CA ASP B 228 -23.08 5.90 2.21
C ASP B 228 -23.07 4.95 3.42
N LYS B 229 -22.20 3.94 3.40
CA LYS B 229 -22.22 2.89 4.43
C LYS B 229 -20.85 2.50 5.01
N LEU B 230 -19.80 2.62 4.21
CA LEU B 230 -18.48 2.09 4.58
C LEU B 230 -17.38 3.14 4.52
N GLU B 231 -16.37 2.99 5.38
CA GLU B 231 -15.14 3.78 5.30
C GLU B 231 -14.38 3.43 4.02
N PHE B 232 -13.60 4.38 3.49
CA PHE B 232 -12.99 4.23 2.15
C PHE B 232 -12.09 3.00 2.01
N MET B 233 -11.28 2.70 3.02
CA MET B 233 -10.42 1.52 2.95
C MET B 233 -11.25 0.24 2.84
N HIS B 234 -12.40 0.18 3.51
CA HIS B 234 -13.25 -0.98 3.41
C HIS B 234 -13.95 -1.07 2.05
N ILE B 235 -14.27 0.08 1.44
CA ILE B 235 -14.77 0.11 0.07
C ILE B 235 -13.70 -0.44 -0.88
N LEU B 236 -12.48 0.03 -0.73
CA LEU B 236 -11.40 -0.41 -1.63
C LEU B 236 -11.08 -1.91 -1.45
N THR B 237 -11.25 -2.43 -0.23
CA THR B 237 -11.07 -3.86 0.01
C THR B 237 -12.13 -4.66 -0.76
N ARG B 238 -13.36 -4.15 -0.80
CA ARG B 238 -14.41 -4.78 -1.60
C ARG B 238 -14.11 -4.71 -3.10
N VAL B 239 -13.48 -3.62 -3.53
CA VAL B 239 -13.01 -3.49 -4.90
C VAL B 239 -11.94 -4.55 -5.19
N ASN B 240 -11.00 -4.72 -4.26
CA ASN B 240 -10.01 -5.80 -4.38
C ASN B 240 -10.67 -7.15 -4.60
N ARG B 241 -11.68 -7.45 -3.78
CA ARG B 241 -12.33 -8.75 -3.88
C ARG B 241 -13.09 -8.90 -5.19
N LYS B 242 -13.77 -7.85 -5.62
CA LYS B 242 -14.53 -7.89 -6.86
CA LYS B 242 -14.53 -7.90 -6.86
C LYS B 242 -13.62 -8.13 -8.07
N VAL B 243 -12.53 -7.38 -8.15
CA VAL B 243 -11.60 -7.57 -9.26
C VAL B 243 -10.99 -8.96 -9.22
N ALA B 244 -10.64 -9.41 -8.02
CA ALA B 244 -9.94 -10.68 -7.88
C ALA B 244 -10.82 -11.88 -8.17
N THR B 245 -12.12 -11.76 -7.91
CA THR B 245 -12.98 -12.92 -8.00
C THR B 245 -13.87 -12.94 -9.23
N GLU B 246 -14.27 -11.77 -9.74
CA GLU B 246 -15.29 -11.74 -10.78
C GLU B 246 -14.75 -11.55 -12.19
N PHE B 247 -13.46 -11.31 -12.31
CA PHE B 247 -12.85 -11.07 -13.60
C PHE B 247 -11.77 -12.09 -13.93
N GLU B 248 -11.71 -12.46 -15.21
CA GLU B 248 -10.65 -13.31 -15.72
C GLU B 248 -10.54 -13.07 -17.21
N SER B 249 -9.32 -12.93 -17.73
CA SER B 249 -9.20 -12.54 -19.14
C SER B 249 -9.63 -13.67 -20.07
N PHE B 250 -10.19 -13.26 -21.20
CA PHE B 250 -10.47 -14.17 -22.31
C PHE B 250 -9.68 -13.70 -23.51
N SER B 251 -8.81 -14.56 -24.04
CA SER B 251 -7.97 -14.18 -25.18
C SER B 251 -7.76 -15.33 -26.14
N PHE B 252 -7.74 -15.04 -27.43
CA PHE B 252 -7.37 -16.05 -28.43
C PHE B 252 -5.89 -16.39 -28.34
N ASP B 253 -5.13 -15.53 -27.68
CA ASP B 253 -3.70 -15.74 -27.45
C ASP B 253 -3.48 -16.46 -26.11
N ALA B 254 -2.99 -17.69 -26.16
CA ALA B 254 -2.80 -18.48 -24.94
C ALA B 254 -1.96 -17.77 -23.88
N THR B 255 -1.01 -16.94 -24.31
CA THR B 255 -0.12 -16.26 -23.36
C THR B 255 -0.93 -15.31 -22.49
N PHE B 256 -1.99 -14.75 -23.05
CA PHE B 256 -2.77 -13.73 -22.37
C PHE B 256 -4.13 -14.22 -21.88
N HIS B 257 -4.39 -15.52 -22.01
CA HIS B 257 -5.71 -16.05 -21.70
C HIS B 257 -5.80 -16.55 -20.27
N ALA B 258 -6.97 -16.35 -19.66
CA ALA B 258 -7.32 -16.88 -18.34
C ALA B 258 -6.47 -16.23 -17.26
N LYS B 259 -6.20 -14.94 -17.41
CA LYS B 259 -5.35 -14.25 -16.42
C LYS B 259 -6.17 -13.46 -15.40
N LYS B 260 -5.55 -13.15 -14.27
CA LYS B 260 -6.21 -12.58 -13.11
C LYS B 260 -5.55 -11.28 -12.68
N GLN B 261 -6.22 -10.56 -11.78
CA GLN B 261 -5.72 -9.26 -11.33
C GLN B 261 -6.08 -9.00 -9.88
N ILE B 262 -5.16 -8.43 -9.12
CA ILE B 262 -5.47 -7.94 -7.78
C ILE B 262 -5.02 -6.48 -7.69
N PRO B 263 -5.94 -5.57 -7.33
CA PRO B 263 -5.54 -4.17 -7.15
C PRO B 263 -4.66 -4.02 -5.91
N CYS B 264 -4.06 -2.86 -5.77
CA CYS B 264 -3.06 -2.66 -4.72
C CYS B 264 -3.32 -1.32 -4.04
N ILE B 265 -3.79 -1.35 -2.80
CA ILE B 265 -4.06 -0.12 -2.06
C ILE B 265 -2.82 0.34 -1.35
N VAL B 266 -2.41 1.60 -1.53
CA VAL B 266 -1.24 2.08 -0.81
C VAL B 266 -1.65 3.28 0.03
N SER B 267 -1.71 3.11 1.35
CA SER B 267 -2.24 4.19 2.19
C SER B 267 -1.24 4.82 3.15
N MET B 268 -1.08 6.13 3.00
CA MET B 268 -0.37 6.91 4.01
CA MET B 268 -0.37 6.98 3.96
C MET B 268 -1.35 7.89 4.66
N LEU B 269 -2.62 7.47 4.72
CA LEU B 269 -3.67 8.26 5.38
C LEU B 269 -3.52 8.16 6.88
N THR B 270 -3.93 9.20 7.59
CA THR B 270 -3.79 9.21 9.04
C THR B 270 -5.14 9.13 9.74
N LYS B 271 -6.21 9.14 8.96
CA LYS B 271 -7.55 9.08 9.54
C LYS B 271 -8.47 8.28 8.63
N GLU B 272 -9.64 7.94 9.14
CA GLU B 272 -10.65 7.24 8.37
C GLU B 272 -11.34 8.24 7.44
N LEU B 273 -11.71 7.78 6.25
CA LEU B 273 -12.32 8.66 5.27
C LEU B 273 -13.73 8.19 4.96
N TYR B 274 -14.72 9.03 5.26
CA TYR B 274 -16.12 8.75 4.95
C TYR B 274 -16.68 9.75 3.95
N PHE B 275 -17.49 9.28 3.03
CA PHE B 275 -18.08 10.18 2.05
C PHE B 275 -19.44 10.71 2.48
N TYR B 276 -19.92 10.28 3.64
CA TYR B 276 -21.11 10.90 4.22
C TYR B 276 -20.76 11.73 5.46
N GLY C 1 13.33 -19.32 23.26
CA GLY C 1 12.63 -18.05 23.36
C GLY C 1 13.43 -17.04 24.17
N VAL C 2 13.96 -16.01 23.51
CA VAL C 2 13.81 -15.84 22.08
C VAL C 2 14.78 -16.74 21.32
N ASP C 3 14.45 -16.92 20.03
CA ASP C 3 14.94 -17.98 19.14
C ASP C 3 14.18 -19.27 19.43
N ASP C 4 13.10 -19.48 18.67
CA ASP C 4 12.31 -20.71 18.70
C ASP C 4 12.35 -21.35 17.32
N ASP C 5 12.44 -22.68 17.27
CA ASP C 5 12.48 -23.38 16.01
C ASP C 5 11.19 -24.14 15.74
C ACE D 1 -11.53 -7.08 -24.58
O ACE D 1 -11.19 -5.92 -24.39
CH3 ACE D 1 -12.59 -7.44 -25.63
N ASP D 2 -10.94 -8.14 -23.81
CA ASP D 2 -9.98 -7.85 -22.80
C ASP D 2 -8.63 -7.49 -23.47
N GLU D 3 -7.96 -6.32 -22.98
CA GLU D 3 -6.72 -5.89 -23.51
C GLU D 3 -5.90 -5.43 -22.33
N VAL D 4 -4.46 -5.44 -22.44
CA VAL D 4 -3.70 -4.96 -21.30
C VAL D 4 -3.39 -3.49 -21.54
N ASP D 5 -3.28 -2.62 -20.40
CA ASP D 5 -3.00 -1.21 -20.54
C ASP D 5 -1.55 -0.88 -20.81
C1 0QE D 6 -0.77 0.08 -19.90
C ACE E 1 18.01 7.71 19.75
O ACE E 1 18.02 6.56 19.34
CH3 ACE E 1 18.59 8.04 21.13
N ASP E 2 17.47 8.78 18.95
CA ASP E 2 16.92 8.51 17.68
C ASP E 2 18.05 8.20 16.68
N GLU E 3 17.88 7.04 15.83
CA GLU E 3 18.85 6.63 14.89
C GLU E 3 18.07 6.17 13.67
N VAL E 4 18.70 6.23 12.37
CA VAL E 4 17.94 5.75 11.22
C VAL E 4 18.30 4.29 11.01
N ASP E 5 17.30 3.42 10.45
CA ASP E 5 17.53 2.01 10.27
C ASP E 5 18.35 1.62 9.07
C1 0QE E 6 17.82 0.67 8.00
C1 MRD F . 6.85 -6.69 -4.04
C2 MRD F . 7.05 -6.46 -2.57
O2 MRD F . 7.41 -7.71 -1.95
CM MRD F . 8.20 -5.47 -2.38
C3 MRD F . 5.76 -5.98 -1.89
C4 MRD F . 5.23 -4.67 -2.44
O4 MRD F . 5.41 -3.68 -1.46
C5 MRD F . 3.73 -4.79 -2.76
N1 AZI G . 18.78 -3.85 21.15
N2 AZI G . 18.00 -3.54 21.90
N3 AZI G . 17.17 -3.23 22.69
N1 AZI H . 2.59 -0.75 23.98
N2 AZI H . 2.55 -1.91 23.86
N3 AZI H . 2.53 -3.07 23.74
C1 MRD I . 5.95 7.34 -5.04
C2 MRD I . 4.64 7.14 -5.78
O2 MRD I . 4.23 8.40 -6.35
CM MRD I . 4.88 6.13 -6.91
C3 MRD I . 3.54 6.68 -4.83
C4 MRD I . 3.85 5.34 -4.17
O4 MRD I . 3.10 4.37 -4.87
C5 MRD I . 3.43 5.33 -2.70
N1 AZI J . -13.17 4.33 -25.54
N2 AZI J . -14.10 4.02 -25.06
N3 AZI J . -15.13 3.68 -24.52
N1 AZI K . -22.45 9.36 0.23
N2 AZI K . -22.80 9.39 -0.88
N3 AZI K . -23.15 9.41 -1.96
S1 DTT L . -14.39 17.09 -22.29
C1 DTT L . -13.51 18.31 -21.24
C2 DTT L . -14.40 18.81 -20.10
O2 DTT L . -15.56 19.44 -20.66
C3 DTT L . -13.68 19.81 -19.20
O3 DTT L . -13.31 20.96 -19.96
C4 DTT L . -14.63 20.23 -18.06
S4 DTT L . -15.14 18.76 -17.10
#